data_3U8R
#
_entry.id   3U8R
#
_cell.length_a   51.563
_cell.length_b   76.527
_cell.length_c   83.260
_cell.angle_alpha   90.00
_cell.angle_beta   90.00
_cell.angle_gamma   90.00
#
_symmetry.space_group_name_H-M   'P 21 21 21'
#
loop_
_entity.id
_entity.type
_entity.pdbx_description
1 polymer 'Thrombin light chain'
2 polymer 'Thrombin heavy chain'
3 polymer 'D-Phe-Pro-D-Arg-Ile DERIVED DIRECT THROMBIN INHIBITOR'
4 non-polymer 2-acetamido-2-deoxy-beta-D-glucopyranose
5 non-polymer 'SODIUM ION'
6 non-polymer 'IODIDE ION'
7 non-polymer 'CHLORIDE ION'
8 non-polymer (4S)-2-METHYL-2,4-PENTANEDIOL
9 non-polymer (4R)-2-METHYLPENTANE-2,4-DIOL
10 water water
#
loop_
_entity_poly.entity_id
_entity_poly.type
_entity_poly.pdbx_seq_one_letter_code
_entity_poly.pdbx_strand_id
1 'polypeptide(L)' ADCGLRPLFEKKSLEDKTERELLESYIDGR L
2 'polypeptide(L)'
;IVEGSDAEIGMSPWQVMLFRKSPQELLCGASLISDRWVLTAAHCLLYPPWDKNFTENDLLVRIGKHSRTRYERNIEKISM
LEKIYIHPRYNWRENLDRDIALMKLKKPVAFSDYIHPVCLPDRETAASLLQAGYKGRVTGWGNLKETWTANVGKGQPSVL
QVVNLPIVERPVCKDSTRIRITDNMFCAGYKPDEGKRGDACEGDSGGPFVMKSPFNNRWYQMGIVSWGEGCDRDGKYGFY
THVFRLKKWIQKVIDQFGE
;
H
3 'polypeptide(L)' (DPN)P(DAR)I(NH2) I
#
# COMPACT_ATOMS: atom_id res chain seq x y z
N ALA A 1 -13.69 10.92 8.87
CA ALA A 1 -13.93 10.92 10.32
C ALA A 1 -13.92 9.48 10.86
N ASP A 2 -14.40 8.57 10.03
CA ASP A 2 -14.53 7.16 10.35
C ASP A 2 -13.40 6.31 9.74
N CYS A 3 -12.32 6.95 9.33
CA CYS A 3 -11.27 6.22 8.61
C CYS A 3 -10.67 5.11 9.47
N GLY A 4 -10.26 4.04 8.82
CA GLY A 4 -9.46 3.01 9.49
C GLY A 4 -10.22 2.10 10.42
N LEU A 5 -11.55 2.19 10.42
CA LEU A 5 -12.38 1.28 11.22
C LEU A 5 -13.21 0.47 10.24
N ARG A 6 -12.94 -0.83 10.14
CA ARG A 6 -13.52 -1.65 9.08
C ARG A 6 -14.93 -2.07 9.40
N PRO A 7 -15.85 -1.92 8.44
CA PRO A 7 -17.24 -2.32 8.69
C PRO A 7 -17.41 -3.77 9.14
N LEU A 8 -16.61 -4.69 8.60
CA LEU A 8 -16.81 -6.12 8.93
C LEU A 8 -15.95 -6.60 10.08
N PHE A 9 -15.16 -5.69 10.66
CA PHE A 9 -14.31 -6.04 11.79
C PHE A 9 -14.50 -5.08 12.96
N GLU A 10 -13.78 -3.96 13.00
CA GLU A 10 -13.89 -3.08 14.17
C GLU A 10 -15.33 -2.67 14.45
N LYS A 11 -16.09 -2.38 13.40
CA LYS A 11 -17.44 -1.88 13.60
C LYS A 11 -18.39 -2.95 14.15
N LYS A 12 -18.03 -4.23 13.98
CA LYS A 12 -18.83 -5.34 14.49
C LYS A 12 -18.19 -6.04 15.69
N SER A 13 -17.14 -5.44 16.26
CA SER A 13 -16.38 -6.07 17.33
C SER A 13 -15.86 -7.47 16.96
N LEU A 14 -15.42 -7.61 15.71
CA LEU A 14 -14.77 -8.84 15.25
C LEU A 14 -13.31 -8.54 14.90
N GLU A 15 -12.46 -9.54 15.12
CA GLU A 15 -11.05 -9.43 14.79
C GLU A 15 -10.69 -10.36 13.65
N ASP A 16 -9.75 -9.94 12.82
CA ASP A 16 -9.34 -10.76 11.71
C ASP A 16 -8.31 -11.79 12.18
N LYS A 17 -7.97 -12.71 11.31
CA LYS A 17 -7.19 -13.90 11.68
C LYS A 17 -5.72 -13.61 12.06
N THR A 18 -5.17 -12.45 11.70
CA THR A 18 -3.76 -12.19 12.04
C THR A 18 -3.47 -10.86 12.69
N GLU A 19 -4.49 -10.06 13.00
CA GLU A 19 -4.20 -8.78 13.61
C GLU A 19 -3.55 -8.89 15.00
N ARG A 20 -3.79 -9.99 15.70
CA ARG A 20 -3.16 -10.20 17.00
CA ARG A 20 -3.17 -10.15 17.00
C ARG A 20 -1.65 -10.14 16.90
N GLU A 21 -1.12 -10.69 15.81
CA GLU A 21 0.32 -10.68 15.58
C GLU A 21 0.85 -9.23 15.59
N LEU A 22 0.08 -8.30 15.05
CA LEU A 22 0.50 -6.91 15.03
C LEU A 22 0.50 -6.34 16.45
N LEU A 23 -0.59 -6.55 17.18
CA LEU A 23 -0.73 -6.09 18.56
C LEU A 23 0.42 -6.59 19.43
N GLU A 24 0.74 -7.89 19.29
CA GLU A 24 1.76 -8.50 20.13
C GLU A 24 3.15 -7.95 19.82
N SER A 25 3.36 -7.47 18.59
CA SER A 25 4.65 -6.91 18.21
C SER A 25 5.01 -5.61 18.95
N TYR A 26 4.01 -4.91 19.48
CA TYR A 26 4.26 -3.66 20.21
C TYR A 26 4.80 -3.88 21.60
N ILE A 27 4.68 -5.10 22.10
CA ILE A 27 5.05 -5.37 23.50
C ILE A 27 6.53 -5.63 23.60
N ILE B 1 2.39 -11.05 -3.27
CA ILE B 1 2.80 -11.25 -1.88
C ILE B 1 3.38 -12.65 -1.71
N VAL B 2 4.59 -12.72 -1.17
CA VAL B 2 5.29 -13.99 -0.96
C VAL B 2 5.08 -14.46 0.47
N GLU B 3 4.66 -15.71 0.62
CA GLU B 3 4.47 -16.34 1.94
C GLU B 3 3.37 -15.69 2.78
N GLY B 4 2.36 -15.18 2.10
CA GLY B 4 1.19 -14.67 2.76
C GLY B 4 0.07 -15.69 2.76
N SER B 5 -1.14 -15.21 3.00
CA SER B 5 -2.33 -16.06 3.00
C SER B 5 -3.49 -15.30 2.38
N ASP B 6 -4.57 -15.99 2.08
CA ASP B 6 -5.75 -15.31 1.56
C ASP B 6 -6.28 -14.31 2.58
N ALA B 7 -6.58 -13.10 2.12
CA ALA B 7 -7.28 -12.15 2.95
C ALA B 7 -8.67 -12.65 3.26
N GLU B 8 -9.21 -12.26 4.40
CA GLU B 8 -10.61 -12.44 4.70
C GLU B 8 -11.44 -11.39 3.96
N ILE B 9 -12.71 -11.67 3.75
CA ILE B 9 -13.59 -10.68 3.13
C ILE B 9 -13.68 -9.41 3.99
N GLY B 10 -13.47 -8.25 3.35
CA GLY B 10 -13.52 -6.97 4.02
C GLY B 10 -12.34 -6.68 4.93
N MET B 11 -11.27 -7.48 4.87
CA MET B 11 -10.12 -7.33 5.75
C MET B 11 -9.33 -6.08 5.42
N SER B 12 -9.36 -5.68 4.14
CA SER B 12 -8.60 -4.53 3.68
C SER B 12 -9.49 -3.68 2.75
N PRO B 13 -10.50 -3.03 3.31
CA PRO B 13 -11.53 -2.41 2.46
C PRO B 13 -11.05 -1.12 1.77
N TRP B 14 -9.84 -0.69 2.09
CA TRP B 14 -9.16 0.40 1.43
C TRP B 14 -8.30 -0.07 0.26
N GLN B 15 -8.21 -1.36 0.03
CA GLN B 15 -7.39 -1.86 -1.05
C GLN B 15 -7.95 -1.45 -2.39
N VAL B 16 -7.07 -0.94 -3.25
CA VAL B 16 -7.49 -0.56 -4.59
C VAL B 16 -6.59 -1.27 -5.60
N MET B 17 -7.20 -1.74 -6.67
CA MET B 17 -6.47 -2.30 -7.79
CA MET B 17 -6.47 -2.30 -7.81
C MET B 17 -6.33 -1.25 -8.89
N LEU B 18 -5.12 -0.95 -9.31
CA LEU B 18 -4.92 -0.03 -10.42
C LEU B 18 -4.75 -0.87 -11.69
N PHE B 19 -5.59 -0.60 -12.68
CA PHE B 19 -5.72 -1.44 -13.87
CA PHE B 19 -5.70 -1.43 -13.88
C PHE B 19 -5.36 -0.60 -15.10
N ARG B 20 -4.57 -1.18 -15.99
CA ARG B 20 -4.28 -0.57 -17.28
C ARG B 20 -5.43 -0.93 -18.21
N LYS B 21 -5.89 0.04 -18.98
CA LYS B 21 -7.00 -0.23 -19.88
C LYS B 21 -6.59 -1.01 -21.13
N SER B 22 -5.43 -0.70 -21.68
CA SER B 22 -5.05 -1.21 -23.00
C SER B 22 -3.55 -1.44 -23.06
N PRO B 23 -3.12 -2.70 -23.01
CA PRO B 23 -3.95 -3.90 -22.79
C PRO B 23 -4.49 -4.01 -21.36
N GLN B 24 -5.55 -4.79 -21.17
CA GLN B 24 -6.13 -5.01 -19.84
C GLN B 24 -5.15 -5.76 -18.97
N GLU B 25 -4.72 -5.15 -17.87
CA GLU B 25 -3.87 -5.87 -16.98
C GLU B 25 -3.76 -5.11 -15.67
N LEU B 26 -3.53 -5.88 -14.62
CA LEU B 26 -3.22 -5.34 -13.32
C LEU B 26 -1.88 -4.63 -13.40
N LEU B 27 -1.85 -3.37 -12.98
CA LEU B 27 -0.61 -2.61 -12.91
C LEU B 27 0.02 -2.61 -11.53
N CYS B 28 -0.81 -2.35 -10.53
CA CYS B 28 -0.29 -1.99 -9.22
C CYS B 28 -1.40 -2.06 -8.21
N GLY B 29 -1.02 -2.00 -6.96
CA GLY B 29 -1.93 -1.71 -5.89
C GLY B 29 -2.02 -0.23 -5.60
N ALA B 30 -2.92 0.12 -4.71
CA ALA B 30 -3.21 1.49 -4.33
C ALA B 30 -4.11 1.42 -3.11
N SER B 31 -4.42 2.58 -2.54
CA SER B 31 -5.24 2.62 -1.33
CA SER B 31 -5.20 2.65 -1.30
C SER B 31 -6.21 3.79 -1.34
N LEU B 32 -7.37 3.56 -0.74
CA LEU B 32 -8.41 4.56 -0.66
C LEU B 32 -8.24 5.36 0.62
N ILE B 33 -7.98 6.65 0.51
CA ILE B 33 -7.76 7.47 1.69
C ILE B 33 -8.90 8.45 1.99
N SER B 34 -9.90 8.50 1.09
CA SER B 34 -11.15 9.23 1.31
C SER B 34 -12.14 8.74 0.28
N ASP B 35 -13.28 9.39 0.16
CA ASP B 35 -14.24 8.97 -0.83
C ASP B 35 -13.80 9.23 -2.26
N ARG B 36 -12.75 10.02 -2.47
CA ARG B 36 -12.39 10.41 -3.83
C ARG B 36 -10.89 10.49 -4.11
N TRP B 37 -10.06 10.16 -3.11
CA TRP B 37 -8.61 10.22 -3.28
C TRP B 37 -7.99 8.85 -3.05
N VAL B 38 -7.11 8.49 -3.96
CA VAL B 38 -6.44 7.20 -3.92
C VAL B 38 -4.95 7.47 -3.92
N LEU B 39 -4.24 6.76 -3.04
CA LEU B 39 -2.80 6.88 -2.91
C LEU B 39 -2.11 5.70 -3.56
N THR B 40 -1.03 5.96 -4.28
CA THR B 40 -0.23 4.88 -4.88
C THR B 40 1.24 5.31 -4.96
N ALA B 41 2.04 4.44 -5.55
CA ALA B 41 3.45 4.76 -5.78
C ALA B 41 3.57 5.55 -7.08
N ALA B 42 4.41 6.57 -7.09
CA ALA B 42 4.69 7.32 -8.32
C ALA B 42 5.21 6.43 -9.42
N HIS B 43 6.02 5.43 -9.08
CA HIS B 43 6.60 4.60 -10.14
C HIS B 43 5.58 3.73 -10.86
N CYS B 44 4.40 3.55 -10.27
CA CYS B 44 3.30 2.87 -10.94
C CYS B 44 2.78 3.66 -12.12
N LEU B 45 2.93 4.99 -12.04
CA LEU B 45 2.39 5.91 -13.02
C LEU B 45 3.45 6.50 -13.94
N LEU B 46 4.67 6.63 -13.43
CA LEU B 46 5.73 7.32 -14.13
C LEU B 46 7.06 6.64 -13.85
N TYR B 47 7.59 5.96 -14.85
CA TYR B 47 8.93 5.36 -14.73
C TYR B 47 9.55 5.33 -16.11
N PRO B 48 10.10 6.48 -16.52
CA PRO B 48 10.63 6.61 -17.88
C PRO B 48 11.69 5.59 -18.28
N PRO B 49 12.52 5.06 -17.36
CA PRO B 49 13.51 4.09 -17.86
C PRO B 49 12.86 2.87 -18.50
N TRP B 50 11.61 2.56 -18.14
CA TRP B 50 10.90 1.45 -18.76
C TRP B 50 9.75 1.94 -19.61
N ASP B 51 9.82 3.19 -20.05
CA ASP B 51 8.81 3.78 -20.93
C ASP B 51 7.40 3.77 -20.33
N LYS B 52 7.30 3.95 -19.00
CA LYS B 52 6.01 4.07 -18.32
C LYS B 52 5.69 5.54 -18.06
N ASN B 53 4.56 5.99 -18.61
CA ASN B 53 4.14 7.36 -18.36
C ASN B 53 2.66 7.42 -18.66
N PHE B 54 1.87 7.04 -17.67
CA PHE B 54 0.44 6.90 -17.85
C PHE B 54 -0.28 8.23 -17.64
N THR B 55 -1.29 8.44 -18.48
CA THR B 55 -2.20 9.55 -18.35
C THR B 55 -3.52 9.04 -17.72
N GLU B 56 -4.35 9.97 -17.27
CA GLU B 56 -5.57 9.61 -16.55
C GLU B 56 -6.44 8.62 -17.27
N ASN B 57 -6.60 8.81 -18.58
CA ASN B 57 -7.52 7.95 -19.30
C ASN B 57 -6.92 6.63 -19.72
N ASP B 58 -5.66 6.37 -19.33
CA ASP B 58 -5.02 5.09 -19.58
C ASP B 58 -5.40 4.03 -18.54
N LEU B 59 -6.03 4.48 -17.45
CA LEU B 59 -6.11 3.69 -16.24
C LEU B 59 -7.52 3.65 -15.70
N LEU B 60 -7.77 2.63 -14.88
CA LEU B 60 -8.99 2.49 -14.09
CA LEU B 60 -8.94 2.66 -14.03
C LEU B 60 -8.61 2.04 -12.69
N VAL B 61 -9.48 2.30 -11.73
CA VAL B 61 -9.29 1.64 -10.43
C VAL B 61 -10.50 0.78 -10.11
N ARG B 62 -10.24 -0.29 -9.40
CA ARG B 62 -11.27 -1.22 -8.98
C ARG B 62 -11.17 -1.34 -7.47
N ILE B 63 -12.26 -1.01 -6.81
CA ILE B 63 -12.31 -0.86 -5.36
C ILE B 63 -13.30 -1.89 -4.79
N GLY B 64 -13.05 -2.40 -3.59
CA GLY B 64 -13.94 -3.39 -2.99
C GLY B 64 -13.67 -4.82 -3.43
N LYS B 65 -12.56 -5.07 -4.11
CA LYS B 65 -12.33 -6.41 -4.67
C LYS B 65 -11.73 -7.43 -3.70
N HIS B 66 -11.99 -8.69 -4.03
CA HIS B 66 -11.41 -9.83 -3.33
C HIS B 66 -10.72 -10.76 -4.34
N SER B 67 -11.49 -11.27 -5.29
CA SER B 67 -10.95 -12.03 -6.41
CA SER B 67 -10.93 -12.03 -6.40
C SER B 67 -10.02 -11.17 -7.28
N ARG B 68 -8.92 -11.74 -7.73
CA ARG B 68 -8.02 -11.05 -8.64
C ARG B 68 -8.64 -10.82 -10.03
N THR B 69 -9.45 -11.77 -10.51
CA THR B 69 -9.88 -11.77 -11.91
C THR B 69 -11.39 -11.70 -12.15
N ARG B 70 -12.20 -12.13 -11.19
CA ARG B 70 -13.65 -12.15 -11.40
C ARG B 70 -14.30 -10.77 -11.21
N TYR B 71 -15.32 -10.44 -12.01
CA TYR B 71 -16.10 -9.22 -11.77
C TYR B 71 -17.07 -9.45 -10.62
N GLU B 72 -16.95 -8.66 -9.57
CA GLU B 72 -17.69 -8.93 -8.35
C GLU B 72 -18.89 -7.98 -8.22
N ARG B 73 -20.01 -8.41 -8.81
CA ARG B 73 -21.19 -7.57 -8.94
C ARG B 73 -21.79 -7.22 -7.60
N ASN B 74 -22.22 -5.96 -7.48
CA ASN B 74 -22.82 -5.44 -6.26
C ASN B 74 -21.82 -5.34 -5.12
N ILE B 75 -20.55 -5.64 -5.39
CA ILE B 75 -19.49 -5.53 -4.38
C ILE B 75 -18.43 -4.54 -4.86
N GLU B 76 -17.82 -4.82 -6.01
CA GLU B 76 -16.78 -3.92 -6.49
C GLU B 76 -17.32 -2.69 -7.20
N LYS B 77 -16.50 -1.64 -7.18
CA LYS B 77 -16.77 -0.41 -7.90
C LYS B 77 -15.59 -0.10 -8.82
N ILE B 78 -15.90 0.20 -10.08
CA ILE B 78 -14.91 0.56 -11.06
C ILE B 78 -15.02 2.06 -11.31
N SER B 79 -13.91 2.76 -11.10
CA SER B 79 -13.91 4.22 -11.19
CA SER B 79 -13.91 4.22 -11.21
C SER B 79 -12.87 4.70 -12.20
N MET B 80 -13.20 5.77 -12.90
CA MET B 80 -12.27 6.49 -13.74
CA MET B 80 -12.28 6.49 -13.75
C MET B 80 -11.54 7.55 -12.92
N LEU B 81 -10.43 8.02 -13.47
N LEU B 81 -10.46 8.05 -13.45
CA LEU B 81 -9.61 9.05 -12.83
CA LEU B 81 -9.66 9.07 -12.82
C LEU B 81 -9.84 10.41 -13.48
C LEU B 81 -9.82 10.41 -13.48
N GLU B 82 -9.98 11.43 -12.65
CA GLU B 82 -10.00 12.82 -13.12
C GLU B 82 -8.60 13.36 -13.33
N LYS B 83 -7.69 13.09 -12.38
CA LYS B 83 -6.38 13.71 -12.43
C LYS B 83 -5.37 12.90 -11.60
N ILE B 84 -4.16 12.77 -12.11
CA ILE B 84 -3.04 12.18 -11.41
C ILE B 84 -2.11 13.28 -10.93
N TYR B 85 -1.59 13.12 -9.71
CA TYR B 85 -0.64 14.05 -9.15
C TYR B 85 0.57 13.28 -8.66
N ILE B 86 1.75 13.62 -9.18
CA ILE B 86 2.98 12.94 -8.79
C ILE B 86 3.77 13.91 -7.93
N HIS B 87 4.40 13.40 -6.86
CA HIS B 87 5.21 14.28 -6.00
C HIS B 87 6.21 15.03 -6.88
N PRO B 88 6.28 16.37 -6.74
CA PRO B 88 7.15 17.14 -7.65
C PRO B 88 8.63 16.81 -7.55
N ARG B 89 9.04 16.26 -6.41
CA ARG B 89 10.43 15.83 -6.20
C ARG B 89 10.64 14.31 -6.20
N TYR B 90 9.71 13.61 -6.81
CA TYR B 90 9.86 12.18 -7.06
C TYR B 90 11.11 11.96 -7.91
N ASN B 91 12.01 11.10 -7.41
CA ASN B 91 13.30 10.87 -8.05
C ASN B 91 13.32 9.51 -8.74
N TRP B 92 12.78 9.45 -9.96
CA TRP B 92 12.78 8.22 -10.72
C TRP B 92 14.14 7.90 -11.32
N ARG B 93 15.01 8.91 -11.45
CA ARG B 93 16.33 8.68 -12.06
C ARG B 93 17.23 7.83 -11.17
N GLU B 94 17.10 8.00 -9.86
CA GLU B 94 18.09 7.41 -8.95
C GLU B 94 17.55 6.25 -8.13
N ASN B 95 16.72 6.55 -7.13
CA ASN B 95 16.40 5.59 -6.09
C ASN B 95 14.93 5.58 -5.71
N LEU B 96 14.08 6.19 -6.53
CA LEU B 96 12.65 6.29 -6.21
C LEU B 96 12.38 7.06 -4.92
N ASP B 97 13.24 8.01 -4.58
CA ASP B 97 12.95 8.90 -3.45
C ASP B 97 11.62 9.62 -3.70
N ARG B 98 10.80 9.69 -2.65
CA ARG B 98 9.49 10.37 -2.70
C ARG B 98 8.55 9.69 -3.70
N ASP B 99 8.48 8.37 -3.59
CA ASP B 99 7.71 7.53 -4.52
C ASP B 99 6.26 7.52 -4.09
N ILE B 100 5.56 8.58 -4.48
CA ILE B 100 4.18 8.75 -3.99
C ILE B 100 3.40 9.53 -5.03
N ALA B 101 2.15 9.14 -5.21
CA ALA B 101 1.24 9.80 -6.14
C ALA B 101 -0.17 9.72 -5.61
N LEU B 102 -0.98 10.70 -6.02
CA LEU B 102 -2.39 10.75 -5.69
C LEU B 102 -3.20 10.67 -6.96
N MET B 103 -4.35 10.02 -6.88
CA MET B 103 -5.25 9.98 -8.02
C MET B 103 -6.63 10.41 -7.54
N LYS B 104 -7.20 11.39 -8.23
CA LYS B 104 -8.54 11.91 -7.92
C LYS B 104 -9.54 11.13 -8.74
N LEU B 105 -10.53 10.52 -8.09
CA LEU B 105 -11.59 9.81 -8.80
C LEU B 105 -12.51 10.79 -9.54
N LYS B 106 -13.03 10.39 -10.70
CA LYS B 106 -13.97 11.25 -11.44
C LYS B 106 -15.24 11.54 -10.63
N LYS B 107 -15.62 10.61 -9.78
CA LYS B 107 -16.79 10.79 -8.89
C LYS B 107 -16.48 10.03 -7.60
N PRO B 108 -16.87 10.58 -6.45
CA PRO B 108 -16.59 9.86 -5.21
C PRO B 108 -17.28 8.49 -5.17
N VAL B 109 -16.64 7.54 -4.49
CA VAL B 109 -17.16 6.18 -4.36
C VAL B 109 -18.01 6.11 -3.11
N ALA B 110 -19.09 5.33 -3.16
CA ALA B 110 -19.87 5.10 -1.97
C ALA B 110 -19.22 4.05 -1.12
N PHE B 111 -19.19 4.29 0.19
CA PHE B 111 -18.62 3.31 1.10
C PHE B 111 -19.62 2.17 1.32
N SER B 112 -19.07 1.04 1.72
CA SER B 112 -19.87 -0.16 1.95
C SER B 112 -19.10 -1.08 2.90
N ASP B 113 -19.62 -2.28 3.12
CA ASP B 113 -18.90 -3.25 3.93
C ASP B 113 -17.52 -3.56 3.35
N TYR B 114 -17.35 -3.32 2.03
CA TYR B 114 -16.17 -3.76 1.29
C TYR B 114 -15.28 -2.60 0.88
N ILE B 115 -15.76 -1.39 1.08
CA ILE B 115 -15.10 -0.18 0.58
C ILE B 115 -15.09 0.85 1.69
N HIS B 116 -13.91 1.20 2.17
CA HIS B 116 -13.81 2.07 3.32
C HIS B 116 -12.39 2.58 3.38
N PRO B 117 -12.20 3.87 3.75
CA PRO B 117 -10.85 4.44 3.68
C PRO B 117 -9.99 4.13 4.88
N VAL B 118 -8.68 4.14 4.62
CA VAL B 118 -7.66 3.98 5.65
C VAL B 118 -7.30 5.37 6.18
N CYS B 119 -6.78 5.43 7.41
CA CYS B 119 -6.29 6.68 7.96
C CYS B 119 -4.86 6.95 7.52
N LEU B 120 -4.48 8.22 7.47
CA LEU B 120 -3.09 8.61 7.31
C LEU B 120 -2.54 9.04 8.67
N PRO B 121 -1.27 8.72 8.96
CA PRO B 121 -0.71 9.01 10.27
C PRO B 121 -0.46 10.49 10.52
N ASP B 122 -0.58 10.90 11.78
CA ASP B 122 -0.09 12.19 12.14
C ASP B 122 1.27 12.02 12.81
N ARG B 123 1.88 13.10 13.24
CA ARG B 123 3.23 13.09 13.78
C ARG B 123 3.38 12.09 14.94
N GLU B 124 2.43 12.11 15.86
CA GLU B 124 2.53 11.28 17.03
C GLU B 124 2.36 9.80 16.69
N THR B 125 1.44 9.49 15.79
CA THR B 125 1.23 8.10 15.40
C THR B 125 2.48 7.58 14.69
N ALA B 126 3.07 8.39 13.83
CA ALA B 126 4.27 7.96 13.13
C ALA B 126 5.41 7.77 14.13
N ALA B 127 5.59 8.71 15.06
CA ALA B 127 6.69 8.61 15.98
C ALA B 127 6.54 7.37 16.87
N SER B 128 5.32 7.08 17.28
CA SER B 128 5.01 5.97 18.17
CA SER B 128 5.09 5.96 18.17
C SER B 128 5.14 4.62 17.47
N LEU B 129 4.61 4.54 16.24
CA LEU B 129 4.45 3.23 15.60
C LEU B 129 5.54 2.81 14.63
N LEU B 130 6.26 3.77 14.04
CA LEU B 130 7.23 3.40 13.05
C LEU B 130 8.55 3.15 13.77
N GLN B 131 8.64 1.98 14.36
CA GLN B 131 9.80 1.59 15.15
C GLN B 131 10.20 0.17 14.78
N ALA B 132 11.50 -0.08 14.77
CA ALA B 132 11.98 -1.41 14.44
C ALA B 132 11.42 -2.49 15.36
N GLY B 133 11.00 -3.59 14.74
CA GLY B 133 10.45 -4.74 15.46
C GLY B 133 8.93 -4.74 15.50
N TYR B 134 8.33 -3.57 15.38
CA TYR B 134 6.87 -3.50 15.29
C TYR B 134 6.46 -3.99 13.92
N LYS B 135 5.32 -4.65 13.85
CA LYS B 135 4.87 -5.21 12.58
C LYS B 135 3.74 -4.40 11.94
N GLY B 136 3.79 -4.38 10.63
CA GLY B 136 2.71 -3.87 9.82
C GLY B 136 2.25 -4.94 8.85
N ARG B 137 1.32 -4.57 7.99
CA ARG B 137 0.67 -5.49 7.10
C ARG B 137 0.70 -4.98 5.67
N VAL B 138 1.07 -5.86 4.75
CA VAL B 138 1.05 -5.57 3.32
CA VAL B 138 1.03 -5.55 3.32
C VAL B 138 0.07 -6.49 2.62
N THR B 139 -0.59 -5.97 1.60
CA THR B 139 -1.62 -6.71 0.90
C THR B 139 -1.50 -6.46 -0.59
N GLY B 140 -1.91 -7.44 -1.40
CA GLY B 140 -1.91 -7.23 -2.84
C GLY B 140 -2.21 -8.49 -3.63
N TRP B 141 -2.33 -8.29 -4.94
CA TRP B 141 -2.61 -9.36 -5.89
C TRP B 141 -1.38 -9.69 -6.73
N GLY B 142 -0.20 -9.26 -6.26
CA GLY B 142 1.04 -9.50 -6.97
C GLY B 142 1.54 -10.92 -6.91
N ASN B 143 2.69 -11.14 -7.54
CA ASN B 143 3.28 -12.48 -7.63
C ASN B 143 3.45 -13.16 -6.28
N LEU B 144 3.29 -14.47 -6.29
CA LEU B 144 3.47 -15.30 -5.10
C LEU B 144 4.93 -15.66 -4.86
N LYS B 145 5.77 -15.51 -5.89
CA LYS B 145 7.20 -15.80 -5.80
C LYS B 145 7.94 -14.89 -6.76
N GLU B 146 9.23 -14.67 -6.52
CA GLU B 146 10.05 -13.86 -7.43
C GLU B 146 10.02 -14.44 -8.85
N GLY B 155 1.41 -18.00 -11.26
CA GLY B 155 2.16 -17.39 -10.18
C GLY B 155 1.40 -16.26 -9.52
N GLN B 156 0.19 -15.99 -10.00
CA GLN B 156 -0.68 -14.96 -9.45
C GLN B 156 -1.76 -15.61 -8.57
N PRO B 157 -2.13 -14.94 -7.47
CA PRO B 157 -3.14 -15.50 -6.57
C PRO B 157 -4.56 -15.38 -7.09
N SER B 158 -5.43 -16.29 -6.63
CA SER B 158 -6.84 -16.26 -6.96
C SER B 158 -7.53 -15.09 -6.25
N VAL B 159 -7.09 -14.80 -5.03
CA VAL B 159 -7.68 -13.75 -4.23
C VAL B 159 -6.62 -12.93 -3.53
N LEU B 160 -7.03 -11.77 -3.03
CA LEU B 160 -6.16 -10.82 -2.31
C LEU B 160 -5.33 -11.55 -1.27
N GLN B 161 -4.02 -11.26 -1.23
CA GLN B 161 -3.09 -11.87 -0.27
C GLN B 161 -2.70 -10.87 0.82
N VAL B 162 -2.35 -11.37 1.99
CA VAL B 162 -1.95 -10.54 3.12
C VAL B 162 -0.77 -11.20 3.83
N VAL B 163 0.17 -10.37 4.30
CA VAL B 163 1.25 -10.86 5.17
C VAL B 163 1.62 -9.75 6.14
N ASN B 164 2.00 -10.11 7.36
CA ASN B 164 2.49 -9.14 8.35
C ASN B 164 4.01 -9.24 8.39
N LEU B 165 4.68 -8.09 8.44
CA LEU B 165 6.14 -8.03 8.41
C LEU B 165 6.67 -7.02 9.41
N PRO B 166 7.83 -7.30 10.02
CA PRO B 166 8.41 -6.34 10.97
C PRO B 166 9.20 -5.23 10.29
N ILE B 167 9.06 -4.04 10.83
CA ILE B 167 9.90 -2.92 10.45
C ILE B 167 11.34 -3.21 10.88
N VAL B 168 12.30 -2.84 10.04
CA VAL B 168 13.71 -3.16 10.27
C VAL B 168 14.54 -1.89 10.53
N GLU B 169 15.53 -2.00 11.41
CA GLU B 169 16.41 -0.88 11.76
CA GLU B 169 16.38 -0.87 11.77
C GLU B 169 17.13 -0.33 10.55
N ARG B 170 17.27 0.98 10.48
CA ARG B 170 17.83 1.61 9.30
CA ARG B 170 17.87 1.64 9.33
C ARG B 170 19.24 1.10 8.95
N PRO B 171 20.11 0.89 9.96
CA PRO B 171 21.44 0.44 9.55
C PRO B 171 21.43 -0.95 8.93
N VAL B 172 20.50 -1.81 9.35
CA VAL B 172 20.32 -3.12 8.74
C VAL B 172 19.78 -2.99 7.32
N CYS B 173 18.80 -2.12 7.13
CA CYS B 173 18.30 -1.83 5.77
C CYS B 173 19.44 -1.36 4.87
N LYS B 174 20.26 -0.42 5.35
CA LYS B 174 21.32 0.15 4.53
C LYS B 174 22.39 -0.89 4.20
N ASP B 175 22.74 -1.76 5.16
CA ASP B 175 23.77 -2.74 4.87
CA ASP B 175 23.70 -2.85 4.98
C ASP B 175 23.31 -3.82 3.89
N SER B 176 22.01 -3.90 3.65
CA SER B 176 21.43 -4.93 2.79
C SER B 176 21.48 -4.63 1.30
N THR B 177 21.80 -3.38 0.94
CA THR B 177 21.66 -2.94 -0.44
C THR B 177 22.67 -1.85 -0.79
N ARG B 178 23.03 -1.77 -2.07
CA ARG B 178 23.89 -0.70 -2.57
C ARG B 178 23.08 0.50 -3.08
N ILE B 179 21.77 0.36 -3.06
CA ILE B 179 20.90 1.46 -3.45
C ILE B 179 20.85 2.51 -2.31
N ARG B 180 20.80 3.78 -2.68
CA ARG B 180 20.81 4.84 -1.67
C ARG B 180 19.45 4.99 -1.02
N ILE B 181 19.42 4.77 0.28
CA ILE B 181 18.20 4.88 1.07
C ILE B 181 18.12 6.26 1.69
N THR B 182 16.92 6.83 1.66
CA THR B 182 16.69 8.15 2.25
C THR B 182 15.71 8.07 3.42
N ASP B 183 15.52 9.17 4.12
CA ASP B 183 14.60 9.21 5.26
C ASP B 183 13.13 9.21 4.81
N ASN B 184 12.90 9.27 3.50
CA ASN B 184 11.56 9.12 2.95
C ASN B 184 11.21 7.68 2.65
N MET B 185 12.03 6.76 3.16
CA MET B 185 11.85 5.33 2.98
C MET B 185 12.02 4.61 4.31
N PHE B 186 11.38 3.45 4.42
CA PHE B 186 11.73 2.49 5.46
C PHE B 186 11.72 1.09 4.89
N CYS B 187 12.30 0.13 5.61
CA CYS B 187 12.28 -1.23 5.12
C CYS B 187 11.65 -2.16 6.13
N ALA B 188 11.15 -3.28 5.62
CA ALA B 188 10.46 -4.27 6.46
C ALA B 188 10.71 -5.65 5.90
N GLY B 189 10.64 -6.63 6.79
CA GLY B 189 10.87 -8.02 6.46
C GLY B 189 11.60 -8.72 7.55
N TYR B 190 11.58 -10.04 7.51
CA TYR B 190 12.33 -10.84 8.48
C TYR B 190 13.80 -10.95 8.14
N LYS B 191 14.61 -11.03 9.20
CA LYS B 191 16.03 -11.22 9.05
C LYS B 191 16.29 -12.72 8.87
N PRO B 192 17.46 -13.06 8.32
CA PRO B 192 17.77 -14.47 8.10
C PRO B 192 17.72 -15.36 9.36
N ASP B 193 17.97 -14.81 10.55
CA ASP B 193 17.95 -15.58 11.80
C ASP B 193 16.55 -15.73 12.43
N GLU B 194 15.52 -15.11 11.83
CA GLU B 194 14.21 -15.09 12.47
C GLU B 194 13.26 -16.23 12.07
N GLY B 195 13.67 -17.06 11.12
CA GLY B 195 12.94 -18.29 10.80
C GLY B 195 11.63 -18.13 10.04
N LYS B 196 11.25 -16.91 9.74
CA LYS B 196 10.01 -16.63 9.01
C LYS B 196 10.38 -15.88 7.74
N ARG B 197 9.49 -15.95 6.78
CA ARG B 197 9.70 -15.33 5.47
C ARG B 197 8.53 -14.41 5.14
N GLY B 198 8.62 -13.75 3.99
CA GLY B 198 7.52 -12.94 3.51
C GLY B 198 8.03 -11.65 2.92
N ASP B 199 7.32 -11.17 1.89
CA ASP B 199 7.69 -9.95 1.20
C ASP B 199 6.54 -9.56 0.29
N ALA B 200 6.54 -8.28 -0.10
CA ALA B 200 5.75 -7.86 -1.25
C ALA B 200 6.47 -8.30 -2.50
N CYS B 201 5.80 -8.25 -3.63
CA CYS B 201 6.45 -8.63 -4.87
C CYS B 201 5.89 -7.85 -6.05
N GLU B 202 6.34 -8.19 -7.24
CA GLU B 202 5.90 -7.46 -8.42
C GLU B 202 4.38 -7.63 -8.59
N GLY B 203 3.69 -6.52 -8.82
CA GLY B 203 2.23 -6.52 -8.81
C GLY B 203 1.63 -5.93 -7.54
N ASP B 204 2.42 -5.93 -6.47
CA ASP B 204 1.97 -5.40 -5.19
C ASP B 204 2.36 -3.94 -5.04
N SER B 205 3.22 -3.44 -5.91
CA SER B 205 3.72 -2.12 -5.64
C SER B 205 2.61 -1.09 -5.72
N GLY B 206 2.80 -0.01 -4.97
CA GLY B 206 1.76 1.00 -4.85
C GLY B 206 0.75 0.69 -3.76
N GLY B 207 0.69 -0.56 -3.32
CA GLY B 207 -0.23 -0.93 -2.25
C GLY B 207 0.23 -0.52 -0.87
N PRO B 208 -0.64 -0.66 0.12
CA PRO B 208 -0.41 -0.07 1.42
C PRO B 208 0.32 -1.00 2.40
N PHE B 209 1.19 -0.39 3.18
CA PHE B 209 1.74 -1.00 4.40
C PHE B 209 1.00 -0.35 5.55
N VAL B 210 0.17 -1.12 6.24
CA VAL B 210 -0.69 -0.55 7.27
C VAL B 210 -0.34 -1.07 8.66
N MET B 211 -0.70 -0.28 9.64
CA MET B 211 -0.51 -0.66 11.05
C MET B 211 -1.78 -0.38 11.81
N LYS B 212 -2.17 -1.29 12.70
CA LYS B 212 -3.35 -1.05 13.54
C LYS B 212 -2.87 -0.40 14.83
N SER B 213 -3.34 0.82 15.08
CA SER B 213 -2.91 1.55 16.27
C SER B 213 -3.42 0.88 17.55
N PRO B 214 -2.53 0.66 18.50
CA PRO B 214 -2.98 0.07 19.78
C PRO B 214 -3.68 1.12 20.62
N PHE B 215 -3.56 2.39 20.25
CA PHE B 215 -4.14 3.47 21.02
C PHE B 215 -5.60 3.75 20.68
N ASN B 216 -5.96 3.61 19.42
CA ASN B 216 -7.33 3.94 19.01
C ASN B 216 -8.01 2.92 18.07
N ASN B 217 -7.35 1.79 17.86
CA ASN B 217 -7.85 0.68 17.07
C ASN B 217 -8.04 0.99 15.60
N ARG B 218 -7.50 2.12 15.13
CA ARG B 218 -7.63 2.47 13.73
C ARG B 218 -6.47 1.98 12.93
N TRP B 219 -6.75 1.65 11.68
CA TRP B 219 -5.72 1.28 10.74
C TRP B 219 -5.17 2.50 10.04
N TYR B 220 -3.84 2.61 10.06
CA TYR B 220 -3.11 3.73 9.45
C TYR B 220 -2.19 3.21 8.36
N GLN B 221 -2.15 3.94 7.25
CA GLN B 221 -1.22 3.62 6.19
C GLN B 221 0.11 4.34 6.44
N MET B 222 1.11 3.56 6.85
CA MET B 222 2.44 4.10 7.15
C MET B 222 3.35 4.08 5.94
N GLY B 223 3.12 3.16 5.02
CA GLY B 223 4.00 3.00 3.89
C GLY B 223 3.28 2.67 2.59
N ILE B 224 4.02 2.81 1.50
CA ILE B 224 3.60 2.37 0.16
C ILE B 224 4.64 1.42 -0.36
N VAL B 225 4.24 0.27 -0.88
CA VAL B 225 5.19 -0.67 -1.49
C VAL B 225 5.93 0.04 -2.64
N SER B 226 7.25 0.14 -2.51
CA SER B 226 8.03 0.99 -3.42
C SER B 226 9.08 0.25 -4.23
N TRP B 227 10.04 -0.42 -3.58
CA TRP B 227 11.10 -1.09 -4.33
C TRP B 227 11.73 -2.21 -3.54
N GLY B 228 12.53 -3.01 -4.24
CA GLY B 228 13.19 -4.14 -3.64
C GLY B 228 14.05 -4.78 -4.71
N GLU B 229 14.85 -5.71 -4.25
CA GLU B 229 15.74 -6.45 -5.16
C GLU B 229 15.28 -7.89 -5.16
N GLY B 230 14.59 -8.28 -6.22
CA GLY B 230 13.86 -9.53 -6.21
C GLY B 230 12.74 -9.51 -5.19
N CYS B 231 12.37 -10.69 -4.70
CA CYS B 231 11.32 -10.81 -3.70
C CYS B 231 11.70 -11.92 -2.73
N ASP B 232 11.59 -11.63 -1.44
CA ASP B 232 11.81 -12.62 -0.38
C ASP B 232 13.19 -13.27 -0.43
N ARG B 233 14.21 -12.53 -0.86
CA ARG B 233 15.57 -13.02 -0.81
C ARG B 233 16.13 -12.94 0.62
N ASP B 234 16.95 -13.92 1.01
CA ASP B 234 17.59 -13.87 2.32
C ASP B 234 18.49 -12.65 2.37
N GLY B 235 18.41 -11.89 3.46
CA GLY B 235 19.25 -10.72 3.65
C GLY B 235 18.83 -9.50 2.87
N LYS B 236 17.71 -9.58 2.15
CA LYS B 236 17.13 -8.42 1.48
C LYS B 236 15.82 -8.08 2.16
N TYR B 237 15.38 -6.83 1.99
CA TYR B 237 14.18 -6.33 2.63
C TYR B 237 13.36 -5.56 1.62
N GLY B 238 12.07 -5.46 1.86
CA GLY B 238 11.25 -4.62 1.00
C GLY B 238 11.34 -3.18 1.46
N PHE B 239 11.29 -2.25 0.52
CA PHE B 239 11.33 -0.83 0.83
C PHE B 239 10.02 -0.14 0.53
N TYR B 240 9.68 0.79 1.41
CA TYR B 240 8.37 1.43 1.46
C TYR B 240 8.52 2.93 1.55
N THR B 241 7.67 3.66 0.83
CA THR B 241 7.61 5.10 0.96
C THR B 241 7.08 5.45 2.35
N HIS B 242 7.76 6.38 3.04
CA HIS B 242 7.37 6.82 4.38
C HIS B 242 6.27 7.89 4.21
N VAL B 243 5.03 7.46 4.37
CA VAL B 243 3.89 8.33 4.06
C VAL B 243 3.89 9.58 4.92
N PHE B 244 4.11 9.45 6.21
CA PHE B 244 4.04 10.62 7.06
C PHE B 244 5.04 11.70 6.62
N ARG B 245 6.22 11.29 6.20
CA ARG B 245 7.21 12.29 5.81
C ARG B 245 6.77 13.09 4.60
N LEU B 246 5.86 12.54 3.80
CA LEU B 246 5.42 13.22 2.60
C LEU B 246 4.01 13.79 2.75
N LYS B 247 3.50 13.80 3.97
CA LYS B 247 2.11 14.16 4.18
C LYS B 247 1.79 15.63 3.86
N LYS B 248 2.74 16.54 4.03
CA LYS B 248 2.45 17.93 3.73
C LYS B 248 2.09 18.06 2.25
N TRP B 249 2.75 17.31 1.38
CA TRP B 249 2.43 17.35 -0.03
C TRP B 249 1.02 16.78 -0.31
N ILE B 250 0.69 15.67 0.33
CA ILE B 250 -0.63 15.07 0.17
C ILE B 250 -1.71 16.08 0.57
N GLN B 251 -1.51 16.71 1.73
CA GLN B 251 -2.46 17.68 2.23
C GLN B 251 -2.61 18.88 1.31
N LYS B 252 -1.51 19.33 0.73
CA LYS B 252 -1.53 20.46 -0.20
C LYS B 252 -2.39 20.16 -1.43
N VAL B 253 -2.19 19.00 -2.05
CA VAL B 253 -2.98 18.63 -3.21
C VAL B 253 -4.47 18.58 -2.88
N ILE B 254 -4.81 17.95 -1.77
CA ILE B 254 -6.20 17.76 -1.40
C ILE B 254 -6.83 19.10 -1.04
N ASP B 255 -6.08 19.93 -0.32
CA ASP B 255 -6.59 21.21 0.16
C ASP B 255 -6.77 22.22 -0.97
N GLN B 256 -5.95 22.14 -2.00
CA GLN B 256 -5.99 23.14 -3.07
C GLN B 256 -7.01 22.80 -4.13
N PHE B 257 -7.53 21.57 -4.10
CA PHE B 257 -8.44 21.15 -5.15
C PHE B 257 -9.67 22.07 -5.24
N GLY B 258 -9.91 22.64 -6.41
CA GLY B 258 -11.09 23.47 -6.62
C GLY B 258 -11.01 24.87 -6.03
N GLU B 259 -9.83 25.29 -5.59
CA GLU B 259 -9.68 26.58 -4.92
C GLU B 259 -9.04 27.66 -5.80
N PRO C 2 12.58 -1.06 -9.16
CA PRO C 2 11.21 -0.65 -8.78
C PRO C 2 10.29 -1.82 -8.55
N ILE C 4 7.48 -2.49 -9.65
CA ILE C 4 6.90 -3.04 -10.92
C ILE C 4 7.79 -4.09 -11.57
#